data_7ACO
#
_entry.id   7ACO
#
_cell.length_a   39.894
_cell.length_b   74.688
_cell.length_c   51.896
_cell.angle_alpha   90.000
_cell.angle_beta   95.050
_cell.angle_gamma   90.000
#
_symmetry.space_group_name_H-M   'P 1 21 1'
#
loop_
_entity.id
_entity.type
_entity.pdbx_description
1 polymer 'HTH-type transcriptional regulator RcdA'
2 non-polymer 2-AMINO-2-HYDROXYMETHYL-PROPANE-1,3-DIOL
3 water water
#
_entity_poly.entity_id   1
_entity_poly.type   'polypeptide(L)'
_entity_poly.pdbx_seq_one_letter_code
;MAMRRANDPQRREKIIQATLEAVKLYGIHAVTHRKIATLAGVPLGSMTYYFSGIDELLLEAFSSFTEIMSRQYQAFFSDV
SDAPGACQAITDMIYSSQVATPDNMELMYQLYALASRKPLLKTVMQNWMQRSQQTLEQWFEPGTARALDAFIEGMTLHFV
TDRKPLSREEILRMVERVAG
;
_entity_poly.pdbx_strand_id   A,B
#
# COMPACT_ATOMS: atom_id res chain seq x y z
N ASP A 8 -7.83 -4.20 -33.92
CA ASP A 8 -8.60 -5.35 -33.45
C ASP A 8 -8.63 -5.37 -31.91
N PRO A 9 -9.50 -6.22 -31.31
CA PRO A 9 -9.51 -6.30 -29.84
C PRO A 9 -8.16 -6.73 -29.27
N GLN A 10 -7.39 -7.47 -30.05
CA GLN A 10 -6.07 -7.90 -29.64
CA GLN A 10 -6.05 -7.89 -29.65
C GLN A 10 -5.15 -6.69 -29.48
N ARG A 11 -5.30 -5.71 -30.36
CA ARG A 11 -4.49 -4.49 -30.23
C ARG A 11 -4.92 -3.68 -29.01
N ARG A 12 -6.22 -3.59 -28.76
CA ARG A 12 -6.72 -2.86 -27.61
CA ARG A 12 -6.72 -2.86 -27.61
C ARG A 12 -6.17 -3.47 -26.33
N GLU A 13 -6.11 -4.80 -26.30
CA GLU A 13 -5.64 -5.50 -25.11
C GLU A 13 -4.14 -5.28 -24.92
N LYS A 14 -3.40 -5.25 -26.03
CA LYS A 14 -1.99 -4.98 -25.95
C LYS A 14 -1.76 -3.61 -25.31
N ILE A 15 -2.63 -2.67 -25.65
CA ILE A 15 -2.55 -1.31 -25.12
C ILE A 15 -2.90 -1.27 -23.62
N ILE A 16 -3.96 -1.97 -23.25
CA ILE A 16 -4.26 -2.11 -21.81
C ILE A 16 -3.07 -2.69 -21.06
N GLN A 17 -2.50 -3.77 -21.57
CA GLN A 17 -1.36 -4.39 -20.89
C GLN A 17 -0.15 -3.47 -20.84
N ALA A 18 0.07 -2.70 -21.91
CA ALA A 18 1.23 -1.83 -21.94
C ALA A 18 1.08 -0.67 -20.97
N THR A 19 -0.17 -0.32 -20.69
CA THR A 19 -0.45 0.75 -19.73
C THR A 19 0.00 0.29 -18.34
N LEU A 20 -0.33 -0.96 -18.01
CA LEU A 20 0.10 -1.52 -16.73
C LEU A 20 1.62 -1.60 -16.70
N GLU A 21 2.20 -2.04 -17.81
CA GLU A 21 3.67 -2.11 -17.89
C GLU A 21 4.30 -0.72 -17.73
N ALA A 22 3.68 0.29 -18.32
CA ALA A 22 4.17 1.67 -18.23
C ALA A 22 4.04 2.22 -16.83
N VAL A 23 2.97 1.85 -16.14
CA VAL A 23 2.81 2.29 -14.76
C VAL A 23 3.97 1.72 -13.93
N LYS A 24 4.35 0.47 -14.17
CA LYS A 24 5.45 -0.14 -13.41
C LYS A 24 6.82 0.43 -13.78
N LEU A 25 6.98 0.83 -15.05
CA LEU A 25 8.25 1.38 -15.50
C LEU A 25 8.41 2.87 -15.18
N TYR A 26 7.35 3.66 -15.40
CA TYR A 26 7.48 5.11 -15.29
C TYR A 26 6.85 5.71 -14.03
N GLY A 27 5.91 5.00 -13.43
CA GLY A 27 5.05 5.56 -12.40
C GLY A 27 3.80 6.18 -13.01
N ILE A 28 2.68 6.16 -12.29
CA ILE A 28 1.43 6.72 -12.82
C ILE A 28 1.60 8.17 -13.29
N HIS A 29 2.33 8.97 -12.50
CA HIS A 29 2.53 10.37 -12.83
C HIS A 29 3.15 10.59 -14.21
N ALA A 30 4.04 9.69 -14.64
CA ALA A 30 4.84 9.96 -15.85
C ALA A 30 4.31 9.22 -17.07
N VAL A 31 3.21 8.50 -16.90
CA VAL A 31 2.62 7.77 -18.00
C VAL A 31 1.96 8.72 -19.02
N THR A 32 2.26 8.50 -20.29
CA THR A 32 1.69 9.28 -21.39
C THR A 32 1.22 8.34 -22.51
N HIS A 33 0.36 8.83 -23.40
CA HIS A 33 -0.10 8.01 -24.51
C HIS A 33 1.09 7.52 -25.32
N ARG A 34 2.05 8.41 -25.51
CA ARG A 34 3.19 8.07 -26.34
CA ARG A 34 3.24 8.13 -26.31
C ARG A 34 4.07 7.01 -25.70
N LYS A 35 4.30 7.10 -24.40
CA LYS A 35 5.10 6.09 -23.70
C LYS A 35 4.43 4.71 -23.72
N ILE A 36 3.10 4.71 -23.60
CA ILE A 36 2.34 3.47 -23.68
C ILE A 36 2.39 2.85 -25.08
N ALA A 37 2.21 3.67 -26.11
CA ALA A 37 2.23 3.16 -27.49
C ALA A 37 3.57 2.48 -27.81
N THR A 38 4.68 3.08 -27.39
CA THR A 38 5.99 2.45 -27.62
C THR A 38 6.16 1.13 -26.89
N LEU A 39 5.64 1.03 -25.67
CA LEU A 39 5.70 -0.23 -24.93
C LEU A 39 4.79 -1.27 -25.56
N ALA A 40 3.68 -0.82 -26.12
CA ALA A 40 2.74 -1.73 -26.78
C ALA A 40 3.27 -2.11 -28.14
N GLY A 41 4.11 -1.26 -28.67
CA GLY A 41 4.59 -1.49 -30.00
C GLY A 41 3.55 -1.25 -31.08
N VAL A 42 2.70 -0.26 -30.83
CA VAL A 42 1.64 0.10 -31.76
C VAL A 42 1.83 1.52 -32.22
N PRO A 43 1.26 1.87 -33.39
CA PRO A 43 1.39 3.27 -33.82
C PRO A 43 0.66 4.21 -32.88
N LEU A 44 1.22 5.41 -32.70
CA LEU A 44 0.61 6.42 -31.83
C LEU A 44 -0.87 6.65 -32.16
N GLY A 45 -1.23 6.56 -33.43
CA GLY A 45 -2.60 6.79 -33.85
C GLY A 45 -3.59 5.80 -33.27
N SER A 46 -3.11 4.63 -32.86
CA SER A 46 -3.98 3.63 -32.26
C SER A 46 -4.47 4.10 -30.89
N MET A 47 -3.64 4.86 -30.19
CA MET A 47 -4.01 5.41 -28.89
C MET A 47 -5.28 6.25 -29.01
N THR A 48 -5.36 7.03 -30.08
CA THR A 48 -6.51 7.91 -30.31
C THR A 48 -7.74 7.09 -30.73
N TYR A 49 -7.52 6.02 -31.49
CA TYR A 49 -8.62 5.18 -31.95
C TYR A 49 -9.40 4.54 -30.80
N TYR A 50 -8.66 3.96 -29.84
CA TYR A 50 -9.26 3.14 -28.79
C TYR A 50 -9.61 3.90 -27.52
N PHE A 51 -8.86 4.96 -27.25
CA PHE A 51 -9.03 5.67 -25.99
C PHE A 51 -9.03 7.17 -26.18
N SER A 52 -9.72 7.84 -25.27
CA SER A 52 -9.78 9.27 -25.28
C SER A 52 -8.63 9.81 -24.44
N GLY A 53 -8.89 9.98 -23.15
CA GLY A 53 -7.90 10.56 -22.27
C GLY A 53 -6.99 9.56 -21.61
N ILE A 54 -5.87 10.05 -21.08
CA ILE A 54 -4.94 9.24 -20.34
C ILE A 54 -5.59 8.75 -19.03
N ASP A 55 -6.49 9.55 -18.46
CA ASP A 55 -7.15 9.16 -17.23
C ASP A 55 -8.16 8.03 -17.46
N GLU A 56 -8.87 8.04 -18.59
CA GLU A 56 -9.75 6.93 -18.89
C GLU A 56 -8.96 5.65 -19.20
N LEU A 57 -7.83 5.80 -19.90
CA LEU A 57 -6.98 4.65 -20.16
C LEU A 57 -6.48 4.05 -18.84
N LEU A 58 -5.99 4.91 -17.95
CA LEU A 58 -5.59 4.46 -16.60
C LEU A 58 -6.73 3.76 -15.86
N LEU A 59 -7.94 4.28 -16.03
CA LEU A 59 -9.11 3.66 -15.42
C LEU A 59 -9.33 2.25 -15.96
N GLU A 60 -9.29 2.13 -17.29
CA GLU A 60 -9.52 0.85 -17.93
C GLU A 60 -8.44 -0.17 -17.60
N ALA A 61 -7.18 0.29 -17.57
CA ALA A 61 -6.08 -0.62 -17.33
C ALA A 61 -6.12 -1.13 -15.89
N PHE A 62 -6.30 -0.22 -14.93
CA PHE A 62 -6.38 -0.63 -13.53
C PHE A 62 -7.63 -1.47 -13.27
N SER A 63 -8.72 -1.19 -13.96
N SER A 63 -8.71 -1.18 -13.99
CA SER A 63 -9.92 -2.03 -13.82
CA SER A 63 -9.92 -1.98 -13.87
C SER A 63 -9.62 -3.45 -14.29
C SER A 63 -9.66 -3.43 -14.32
N SER A 64 -8.83 -3.56 -15.35
CA SER A 64 -8.48 -4.86 -15.89
C SER A 64 -7.63 -5.62 -14.88
N PHE A 65 -6.71 -4.90 -14.26
CA PHE A 65 -5.85 -5.47 -13.24
C PHE A 65 -6.64 -5.95 -12.02
N THR A 66 -7.58 -5.15 -11.54
CA THR A 66 -8.36 -5.59 -10.38
C THR A 66 -9.30 -6.73 -10.75
N GLU A 67 -9.74 -6.79 -12.00
CA GLU A 67 -10.60 -7.91 -12.39
C GLU A 67 -9.83 -9.23 -12.34
N ILE A 68 -8.56 -9.19 -12.74
CA ILE A 68 -7.67 -10.34 -12.62
C ILE A 68 -7.45 -10.68 -11.13
N MET A 69 -7.25 -9.65 -10.33
CA MET A 69 -7.05 -9.89 -8.90
C MET A 69 -8.29 -10.55 -8.28
N SER A 70 -9.48 -10.08 -8.66
CA SER A 70 -10.71 -10.63 -8.10
C SER A 70 -10.93 -12.06 -8.54
N ARG A 71 -10.52 -12.36 -9.77
CA ARG A 71 -10.61 -13.72 -10.26
C ARG A 71 -9.72 -14.61 -9.39
N GLN A 72 -8.52 -14.14 -9.09
CA GLN A 72 -7.62 -14.82 -8.17
C GLN A 72 -8.20 -14.96 -6.75
N TYR A 73 -8.77 -13.87 -6.24
CA TYR A 73 -9.39 -13.84 -4.91
C TYR A 73 -10.48 -14.91 -4.77
N GLN A 74 -11.40 -14.91 -5.72
CA GLN A 74 -12.51 -15.87 -5.71
C GLN A 74 -11.99 -17.32 -5.83
N ALA A 75 -10.97 -17.52 -6.65
CA ALA A 75 -10.36 -18.84 -6.82
C ALA A 75 -9.87 -19.46 -5.51
N PHE A 76 -9.43 -18.66 -4.54
CA PHE A 76 -8.96 -19.22 -3.27
C PHE A 76 -10.11 -19.85 -2.48
N PHE A 77 -11.34 -19.53 -2.85
CA PHE A 77 -12.51 -20.02 -2.13
C PHE A 77 -13.27 -21.10 -2.88
N SER A 78 -12.63 -21.66 -3.93
CA SER A 78 -13.30 -22.62 -4.81
C SER A 78 -13.76 -23.89 -4.07
N ASP A 79 -13.07 -24.20 -2.97
CA ASP A 79 -13.32 -25.40 -2.18
C ASP A 79 -13.98 -25.07 -0.85
N VAL A 80 -14.57 -23.88 -0.75
CA VAL A 80 -15.16 -23.46 0.51
C VAL A 80 -16.68 -23.65 0.53
N SER A 81 -17.17 -24.28 1.60
CA SER A 81 -18.60 -24.48 1.78
C SER A 81 -19.13 -23.90 3.11
N ASP A 82 -18.24 -23.40 3.96
CA ASP A 82 -18.67 -22.85 5.25
C ASP A 82 -17.61 -21.94 5.86
N ALA A 83 -17.96 -21.28 6.95
CA ALA A 83 -17.08 -20.28 7.55
C ALA A 83 -15.72 -20.84 8.00
N PRO A 84 -15.70 -22.00 8.67
CA PRO A 84 -14.37 -22.54 9.00
C PRO A 84 -13.51 -22.75 7.77
N GLY A 85 -14.09 -23.30 6.71
CA GLY A 85 -13.37 -23.50 5.47
C GLY A 85 -12.90 -22.17 4.89
N ALA A 86 -13.72 -21.13 5.04
CA ALA A 86 -13.37 -19.84 4.50
C ALA A 86 -12.16 -19.27 5.25
N CYS A 87 -12.08 -19.55 6.54
CA CYS A 87 -10.92 -19.13 7.33
C CYS A 87 -9.64 -19.80 6.82
N GLN A 88 -9.72 -21.08 6.48
CA GLN A 88 -8.55 -21.77 5.93
C GLN A 88 -8.16 -21.17 4.58
N ALA A 89 -9.15 -20.84 3.76
CA ALA A 89 -8.88 -20.29 2.44
C ALA A 89 -8.19 -18.95 2.57
N ILE A 90 -8.65 -18.13 3.52
CA ILE A 90 -8.06 -16.82 3.71
C ILE A 90 -6.62 -16.96 4.18
N THR A 91 -6.39 -17.93 5.07
CA THR A 91 -5.05 -18.24 5.57
C THR A 91 -4.14 -18.66 4.39
N ASP A 92 -4.66 -19.54 3.54
CA ASP A 92 -3.96 -19.92 2.31
C ASP A 92 -3.63 -18.72 1.41
N MET A 93 -4.59 -17.84 1.21
CA MET A 93 -4.37 -16.63 0.40
C MET A 93 -3.20 -15.81 0.92
N ILE A 94 -3.17 -15.64 2.23
CA ILE A 94 -2.07 -14.90 2.86
C ILE A 94 -0.75 -15.67 2.77
N TYR A 95 -0.76 -16.91 3.25
CA TYR A 95 0.48 -17.69 3.37
C TYR A 95 1.11 -17.99 2.00
N SER A 96 0.28 -18.01 0.95
CA SER A 96 0.76 -18.35 -0.39
C SER A 96 1.63 -17.26 -1.03
N SER A 97 1.48 -16.04 -0.53
CA SER A 97 2.20 -14.87 -1.04
CA SER A 97 2.19 -14.86 -1.04
C SER A 97 1.86 -14.59 -2.50
N GLN A 98 0.80 -15.22 -2.99
CA GLN A 98 0.40 -15.07 -4.39
C GLN A 98 -0.33 -13.78 -4.66
N VAL A 99 -0.89 -13.17 -3.62
CA VAL A 99 -1.54 -11.89 -3.82
C VAL A 99 -0.51 -10.76 -3.82
N ALA A 100 0.31 -10.73 -2.76
CA ALA A 100 1.36 -9.70 -2.63
C ALA A 100 2.63 -10.12 -3.35
N THR A 101 2.54 -10.26 -4.66
CA THR A 101 3.71 -10.47 -5.49
C THR A 101 4.32 -9.10 -5.80
N PRO A 102 5.61 -9.05 -6.15
CA PRO A 102 6.22 -7.79 -6.60
C PRO A 102 5.39 -7.06 -7.67
N ASP A 103 5.02 -7.74 -8.75
CA ASP A 103 4.22 -7.08 -9.81
C ASP A 103 2.87 -6.56 -9.28
N ASN A 104 2.12 -7.39 -8.55
CA ASN A 104 0.83 -6.97 -8.02
C ASN A 104 0.95 -5.81 -7.05
N MET A 105 1.97 -5.87 -6.19
CA MET A 105 2.20 -4.79 -5.24
C MET A 105 2.55 -3.48 -5.94
N GLU A 106 3.40 -3.56 -6.96
CA GLU A 106 3.82 -2.35 -7.65
C GLU A 106 2.61 -1.67 -8.31
N LEU A 107 1.66 -2.47 -8.80
CA LEU A 107 0.47 -1.90 -9.43
C LEU A 107 -0.55 -1.45 -8.38
N MET A 108 -0.86 -2.34 -7.42
CA MET A 108 -1.87 -2.03 -6.40
C MET A 108 -1.51 -0.79 -5.57
N TYR A 109 -0.26 -0.68 -5.13
CA TYR A 109 0.08 0.43 -4.24
C TYR A 109 0.24 1.75 -4.99
N GLN A 110 0.50 1.71 -6.29
CA GLN A 110 0.50 2.97 -7.05
C GLN A 110 -0.94 3.48 -7.21
N LEU A 111 -1.86 2.54 -7.38
CA LEU A 111 -3.26 2.88 -7.45
C LEU A 111 -3.67 3.57 -6.15
N TYR A 112 -3.33 2.94 -5.04
CA TYR A 112 -3.65 3.47 -3.70
C TYR A 112 -3.06 4.85 -3.47
N ALA A 113 -1.84 5.02 -3.96
CA ALA A 113 -1.09 6.24 -3.74
C ALA A 113 -1.81 7.45 -4.32
N LEU A 114 -2.39 7.25 -5.50
CA LEU A 114 -2.94 8.35 -6.27
C LEU A 114 -4.45 8.49 -6.18
N ALA A 115 -5.09 7.58 -5.44
CA ALA A 115 -6.54 7.56 -5.34
C ALA A 115 -7.12 8.89 -4.83
N SER A 116 -6.48 9.49 -3.84
CA SER A 116 -6.97 10.76 -3.30
C SER A 116 -6.89 11.88 -4.33
N ARG A 117 -5.94 11.81 -5.24
CA ARG A 117 -5.80 12.86 -6.25
C ARG A 117 -6.55 12.52 -7.54
N LYS A 118 -6.93 11.25 -7.71
CA LYS A 118 -7.61 10.83 -8.95
C LYS A 118 -8.91 10.08 -8.66
N PRO A 119 -10.04 10.80 -8.74
CA PRO A 119 -11.37 10.30 -8.39
C PRO A 119 -11.74 9.01 -9.13
N LEU A 120 -11.36 8.91 -10.40
CA LEU A 120 -11.64 7.72 -11.21
C LEU A 120 -10.91 6.51 -10.67
N LEU A 121 -9.71 6.73 -10.15
CA LEU A 121 -8.93 5.67 -9.56
C LEU A 121 -9.52 5.26 -8.21
N LYS A 122 -10.03 6.24 -7.47
CA LYS A 122 -10.63 5.92 -6.19
C LYS A 122 -11.85 5.05 -6.43
N THR A 123 -12.59 5.36 -7.50
CA THR A 123 -13.73 4.54 -7.89
C THR A 123 -13.33 3.08 -8.17
N VAL A 124 -12.21 2.90 -8.88
CA VAL A 124 -11.64 1.56 -9.10
C VAL A 124 -11.37 0.81 -7.79
N MET A 125 -10.82 1.52 -6.81
CA MET A 125 -10.52 0.93 -5.52
CA MET A 125 -10.53 0.88 -5.53
C MET A 125 -11.81 0.49 -4.82
N GLN A 126 -12.78 1.38 -4.83
CA GLN A 126 -14.06 1.11 -4.17
C GLN A 126 -14.80 -0.04 -4.84
N ASN A 127 -14.76 -0.08 -6.16
CA ASN A 127 -15.38 -1.17 -6.92
C ASN A 127 -14.73 -2.49 -6.56
N TRP A 128 -13.41 -2.43 -6.39
CA TRP A 128 -12.61 -3.61 -6.12
C TRP A 128 -12.91 -4.14 -4.72
N MET A 129 -12.98 -3.26 -3.72
CA MET A 129 -13.25 -3.76 -2.38
CA MET A 129 -13.31 -3.63 -2.34
C MET A 129 -14.71 -4.26 -2.27
N GLN A 130 -15.65 -3.69 -3.02
CA GLN A 130 -17.02 -4.17 -3.05
CA GLN A 130 -17.02 -4.18 -3.01
C GLN A 130 -17.11 -5.62 -3.53
N ARG A 131 -16.31 -5.96 -4.53
CA ARG A 131 -16.32 -7.33 -5.05
C ARG A 131 -15.80 -8.35 -4.03
N SER A 132 -14.73 -7.98 -3.33
CA SER A 132 -14.13 -8.81 -2.30
C SER A 132 -15.11 -9.04 -1.16
N GLN A 133 -15.76 -7.96 -0.74
CA GLN A 133 -16.77 -8.05 0.30
C GLN A 133 -17.88 -9.00 -0.12
N GLN A 134 -18.31 -8.86 -1.37
CA GLN A 134 -19.36 -9.71 -1.93
C GLN A 134 -18.96 -11.18 -1.88
N THR A 135 -17.71 -11.46 -2.20
CA THR A 135 -17.17 -12.82 -2.06
C THR A 135 -17.23 -13.30 -0.61
N LEU A 136 -16.75 -12.48 0.31
CA LEU A 136 -16.70 -12.88 1.71
C LEU A 136 -18.08 -13.03 2.32
N GLU A 137 -19.03 -12.23 1.85
CA GLU A 137 -20.38 -12.22 2.42
C GLU A 137 -21.17 -13.49 2.13
N GLN A 138 -20.62 -14.39 1.30
CA GLN A 138 -21.18 -15.73 1.16
C GLN A 138 -21.18 -16.48 2.49
N TRP A 139 -20.18 -16.21 3.33
CA TRP A 139 -20.05 -16.96 4.58
C TRP A 139 -19.99 -16.08 5.81
N PHE A 140 -19.84 -14.78 5.62
CA PHE A 140 -19.71 -13.87 6.76
C PHE A 140 -20.69 -12.71 6.71
N GLU A 141 -21.06 -12.24 7.90
CA GLU A 141 -21.86 -11.02 8.03
CA GLU A 141 -21.85 -11.03 8.04
C GLU A 141 -21.11 -9.85 7.40
N PRO A 142 -21.85 -8.86 6.86
CA PRO A 142 -21.18 -7.74 6.19
C PRO A 142 -20.08 -7.04 7.00
N GLY A 143 -20.29 -6.83 8.30
CA GLY A 143 -19.28 -6.19 9.13
C GLY A 143 -18.05 -7.06 9.24
N THR A 144 -18.26 -8.33 9.54
CA THR A 144 -17.14 -9.26 9.62
C THR A 144 -16.44 -9.40 8.26
N ALA A 145 -17.19 -9.40 7.17
CA ALA A 145 -16.57 -9.47 5.83
C ALA A 145 -15.62 -8.29 5.61
N ARG A 146 -16.02 -7.09 6.00
CA ARG A 146 -15.15 -5.92 5.84
C ARG A 146 -13.90 -5.98 6.72
N ALA A 147 -14.05 -6.54 7.91
CA ALA A 147 -12.94 -6.69 8.83
C ALA A 147 -11.94 -7.66 8.25
N LEU A 148 -12.45 -8.76 7.70
CA LEU A 148 -11.59 -9.77 7.11
C LEU A 148 -10.84 -9.22 5.90
N ASP A 149 -11.52 -8.45 5.06
CA ASP A 149 -10.86 -7.94 3.88
C ASP A 149 -9.76 -6.96 4.25
N ALA A 150 -10.02 -6.13 5.25
CA ALA A 150 -8.97 -5.22 5.75
C ALA A 150 -7.81 -6.01 6.35
N PHE A 151 -8.13 -7.07 7.07
CA PHE A 151 -7.07 -7.88 7.67
C PHE A 151 -6.24 -8.53 6.56
N ILE A 152 -6.91 -8.97 5.51
CA ILE A 152 -6.21 -9.56 4.37
C ILE A 152 -5.31 -8.53 3.68
N GLU A 153 -5.86 -7.34 3.50
CA GLU A 153 -5.09 -6.22 2.92
C GLU A 153 -3.77 -6.06 3.66
N GLY A 154 -3.85 -6.01 4.98
CA GLY A 154 -2.66 -5.75 5.75
C GLY A 154 -1.75 -6.96 5.86
N MET A 155 -2.34 -8.13 6.08
CA MET A 155 -1.51 -9.27 6.38
C MET A 155 -0.85 -9.86 5.13
N THR A 156 -1.50 -9.75 3.99
CA THR A 156 -0.84 -10.21 2.76
C THR A 156 0.50 -9.47 2.62
N LEU A 157 0.47 -8.16 2.78
CA LEU A 157 1.67 -7.33 2.69
C LEU A 157 2.68 -7.62 3.79
N HIS A 158 2.20 -7.66 5.03
CA HIS A 158 3.10 -7.84 6.15
C HIS A 158 3.77 -9.20 6.11
N PHE A 159 3.05 -10.20 5.59
CA PHE A 159 3.61 -11.55 5.54
C PHE A 159 4.86 -11.64 4.63
N VAL A 160 4.79 -10.97 3.48
CA VAL A 160 5.92 -10.98 2.55
C VAL A 160 7.00 -9.92 2.89
N THR A 161 6.76 -9.08 3.90
CA THR A 161 7.69 -7.98 4.22
C THR A 161 8.46 -8.18 5.54
N ASP A 162 7.74 -8.63 6.57
CA ASP A 162 8.29 -8.86 7.92
C ASP A 162 9.57 -9.71 7.88
N ARG A 163 10.59 -9.27 8.62
CA ARG A 163 11.81 -10.06 8.81
C ARG A 163 11.54 -11.39 9.50
N LYS A 164 10.48 -11.43 10.31
CA LYS A 164 10.03 -12.70 10.90
C LYS A 164 8.51 -12.74 10.88
N PRO A 165 7.93 -13.23 9.77
CA PRO A 165 6.47 -13.17 9.72
C PRO A 165 5.81 -14.21 10.59
N LEU A 166 4.48 -14.16 10.66
CA LEU A 166 3.73 -15.16 11.39
C LEU A 166 3.80 -16.52 10.67
N SER A 167 3.66 -17.59 11.44
CA SER A 167 3.51 -18.94 10.88
C SER A 167 2.10 -19.15 10.35
N ARG A 168 1.90 -20.18 9.52
CA ARG A 168 0.56 -20.40 8.97
C ARG A 168 -0.47 -20.64 10.08
N GLU A 169 -0.11 -21.40 11.10
CA GLU A 169 -1.01 -21.68 12.21
C GLU A 169 -1.39 -20.42 12.97
N GLU A 170 -0.44 -19.52 13.17
CA GLU A 170 -0.72 -18.25 13.81
C GLU A 170 -1.67 -17.41 12.95
N ILE A 171 -1.42 -17.37 11.64
CA ILE A 171 -2.30 -16.62 10.75
C ILE A 171 -3.71 -17.18 10.85
N LEU A 172 -3.82 -18.51 10.86
CA LEU A 172 -5.13 -19.14 10.96
C LEU A 172 -5.86 -18.69 12.20
N ARG A 173 -5.18 -18.75 13.34
CA ARG A 173 -5.78 -18.36 14.60
C ARG A 173 -6.28 -16.91 14.55
N MET A 174 -5.51 -16.01 13.94
CA MET A 174 -5.92 -14.62 13.86
C MET A 174 -7.09 -14.43 12.90
N VAL A 175 -7.08 -15.17 11.79
CA VAL A 175 -8.22 -15.10 10.87
C VAL A 175 -9.47 -15.56 11.60
N GLU A 176 -9.34 -16.64 12.37
CA GLU A 176 -10.47 -17.15 13.11
C GLU A 176 -10.96 -16.15 14.15
N ARG A 177 -10.03 -15.36 14.70
CA ARG A 177 -10.40 -14.33 15.65
C ARG A 177 -11.27 -13.28 14.99
N VAL A 178 -10.84 -12.80 13.82
CA VAL A 178 -11.58 -11.75 13.13
C VAL A 178 -12.96 -12.26 12.70
N ALA A 179 -13.02 -13.54 12.31
CA ALA A 179 -14.25 -14.14 11.81
C ALA A 179 -15.34 -14.29 12.87
N GLY A 180 -14.96 -14.25 14.15
CA GLY A 180 -15.92 -14.30 15.23
C GLY A 180 -16.66 -15.61 15.44
N MET B 1 38.99 9.99 -0.71
CA MET B 1 37.78 10.13 -1.50
C MET B 1 36.54 9.97 -0.61
N ALA B 2 36.74 9.32 0.53
CA ALA B 2 35.82 9.47 1.64
C ALA B 2 36.10 10.84 2.25
N MET B 3 37.35 11.26 2.14
CA MET B 3 37.76 12.56 2.67
C MET B 3 37.66 13.69 1.64
N ARG B 4 37.09 13.39 0.47
CA ARG B 4 36.72 14.44 -0.49
C ARG B 4 35.42 15.12 -0.09
N ARG B 5 34.54 14.34 0.55
CA ARG B 5 33.20 14.80 0.92
C ARG B 5 33.22 15.61 2.22
N ALA B 6 32.23 16.48 2.40
CA ALA B 6 32.21 17.38 3.55
C ALA B 6 31.02 17.17 4.49
N ASN B 7 29.96 16.51 4.02
CA ASN B 7 28.81 16.18 4.85
C ASN B 7 28.13 17.37 5.52
N ASP B 8 27.63 18.31 4.74
CA ASP B 8 27.04 19.50 5.34
C ASP B 8 25.60 19.24 5.79
N PRO B 9 25.31 19.48 7.07
CA PRO B 9 23.96 19.20 7.58
C PRO B 9 22.88 20.08 6.94
N GLN B 10 23.21 21.30 6.54
CA GLN B 10 22.19 22.16 5.94
C GLN B 10 21.83 21.67 4.54
N ARG B 11 22.85 21.43 3.72
CA ARG B 11 22.65 20.86 2.40
C ARG B 11 21.91 19.52 2.48
N ARG B 12 22.34 18.67 3.41
CA ARG B 12 21.74 17.34 3.55
C ARG B 12 20.24 17.41 3.80
N GLU B 13 19.85 18.19 4.80
CA GLU B 13 18.43 18.34 5.14
C GLU B 13 17.62 18.95 4.01
N LYS B 14 18.22 19.83 3.21
CA LYS B 14 17.49 20.40 2.10
C LYS B 14 17.26 19.34 1.02
N ILE B 15 18.28 18.54 0.76
CA ILE B 15 18.19 17.50 -0.24
C ILE B 15 17.13 16.47 0.18
N ILE B 16 17.09 16.12 1.46
CA ILE B 16 16.11 15.14 1.96
C ILE B 16 14.66 15.64 1.82
N GLN B 17 14.40 16.89 2.18
CA GLN B 17 13.05 17.44 2.03
C GLN B 17 12.65 17.58 0.56
N ALA B 18 13.60 17.98 -0.29
CA ALA B 18 13.35 18.09 -1.72
C ALA B 18 13.08 16.71 -2.33
N THR B 19 13.69 15.67 -1.78
CA THR B 19 13.45 14.31 -2.27
C THR B 19 11.98 13.92 -2.07
N LEU B 20 11.46 14.16 -0.88
CA LEU B 20 10.06 13.86 -0.59
C LEU B 20 9.17 14.71 -1.48
N GLU B 21 9.58 15.95 -1.69
CA GLU B 21 8.84 16.85 -2.55
C GLU B 21 8.84 16.33 -3.99
N ALA B 22 9.99 15.81 -4.43
CA ALA B 22 10.10 15.23 -5.76
C ALA B 22 9.19 14.01 -5.93
N VAL B 23 9.11 13.16 -4.91
CA VAL B 23 8.25 11.98 -4.97
C VAL B 23 6.81 12.41 -5.21
N LYS B 24 6.37 13.47 -4.54
CA LYS B 24 5.01 13.97 -4.67
CA LYS B 24 5.01 13.95 -4.67
C LYS B 24 4.78 14.54 -6.06
N LEU B 25 5.73 15.34 -6.53
CA LEU B 25 5.59 16.01 -7.83
C LEU B 25 5.64 15.04 -9.00
N TYR B 26 6.64 14.16 -8.98
CA TYR B 26 7.00 13.39 -10.17
C TYR B 26 6.66 11.92 -10.09
N GLY B 27 6.39 11.42 -8.88
CA GLY B 27 6.28 9.99 -8.63
C GLY B 27 7.64 9.40 -8.30
N ILE B 28 7.65 8.38 -7.44
CA ILE B 28 8.90 7.80 -6.95
C ILE B 28 9.73 7.21 -8.09
N HIS B 29 9.06 6.64 -9.10
CA HIS B 29 9.78 6.08 -10.24
C HIS B 29 10.54 7.10 -11.07
N ALA B 30 10.14 8.36 -10.98
CA ALA B 30 10.69 9.36 -11.90
C ALA B 30 11.67 10.31 -11.24
N VAL B 31 11.91 10.12 -9.94
N VAL B 31 11.89 10.17 -9.93
CA VAL B 31 12.80 11.01 -9.20
CA VAL B 31 12.79 11.09 -9.26
C VAL B 31 14.26 10.77 -9.54
C VAL B 31 14.23 10.79 -9.64
N THR B 32 15.01 11.86 -9.76
CA THR B 32 16.43 11.75 -10.13
C THR B 32 17.22 12.75 -9.31
N HIS B 33 18.54 12.59 -9.27
CA HIS B 33 19.40 13.59 -8.66
C HIS B 33 19.09 14.98 -9.24
N ARG B 34 18.99 15.05 -10.56
CA ARG B 34 18.76 16.32 -11.26
C ARG B 34 17.48 17.03 -10.79
N LYS B 35 16.38 16.29 -10.76
CA LYS B 35 15.11 16.84 -10.31
C LYS B 35 15.17 17.30 -8.88
N ILE B 36 15.76 16.46 -8.02
CA ILE B 36 15.90 16.76 -6.61
C ILE B 36 16.74 18.01 -6.38
N ALA B 37 17.90 18.05 -7.02
CA ALA B 37 18.82 19.18 -6.88
C ALA B 37 18.15 20.50 -7.29
N THR B 38 17.39 20.46 -8.39
CA THR B 38 16.66 21.64 -8.82
C THR B 38 15.64 22.08 -7.77
N LEU B 39 14.89 21.12 -7.22
CA LEU B 39 13.95 21.45 -6.15
C LEU B 39 14.68 21.92 -4.89
N ALA B 40 15.83 21.33 -4.62
CA ALA B 40 16.58 21.66 -3.41
C ALA B 40 17.26 23.04 -3.50
N GLY B 41 17.61 23.44 -4.71
CA GLY B 41 18.39 24.66 -4.89
C GLY B 41 19.84 24.43 -4.51
N VAL B 42 20.37 23.29 -4.95
CA VAL B 42 21.78 22.96 -4.73
C VAL B 42 22.39 22.60 -6.07
N PRO B 43 23.71 22.76 -6.20
CA PRO B 43 24.35 22.35 -7.45
C PRO B 43 24.20 20.85 -7.70
N LEU B 44 23.84 20.45 -8.92
CA LEU B 44 23.72 19.04 -9.27
C LEU B 44 25.03 18.29 -9.02
N GLY B 45 26.16 18.96 -9.27
CA GLY B 45 27.46 18.38 -9.03
C GLY B 45 27.65 17.96 -7.58
N SER B 46 26.91 18.60 -6.69
CA SER B 46 26.96 18.33 -5.25
C SER B 46 26.42 16.96 -4.84
N MET B 47 25.40 16.51 -5.57
CA MET B 47 24.58 15.38 -5.15
C MET B 47 25.36 14.09 -4.90
N THR B 48 26.29 13.77 -5.80
CA THR B 48 27.13 12.57 -5.68
C THR B 48 27.85 12.45 -4.33
N TYR B 49 28.15 13.59 -3.73
CA TYR B 49 28.99 13.63 -2.54
C TYR B 49 28.22 13.70 -1.22
N TYR B 50 26.93 13.39 -1.27
CA TYR B 50 26.11 13.25 -0.06
C TYR B 50 25.45 11.88 -0.06
N PHE B 51 24.99 11.48 -1.23
CA PHE B 51 24.37 10.18 -1.43
C PHE B 51 24.88 9.58 -2.74
N SER B 52 25.47 8.41 -2.65
CA SER B 52 26.13 7.79 -3.80
C SER B 52 25.15 7.54 -4.95
N GLY B 53 23.94 7.11 -4.62
CA GLY B 53 22.94 6.85 -5.64
C GLY B 53 21.52 7.25 -5.24
N ILE B 54 20.59 7.07 -6.17
CA ILE B 54 19.21 7.47 -5.93
C ILE B 54 18.55 6.63 -4.83
N ASP B 55 18.89 5.34 -4.75
CA ASP B 55 18.27 4.48 -3.73
C ASP B 55 18.65 4.89 -2.31
N GLU B 56 19.89 5.32 -2.11
CA GLU B 56 20.35 5.72 -0.78
C GLU B 56 19.68 7.03 -0.35
N LEU B 57 19.47 7.92 -1.30
CA LEU B 57 18.74 9.15 -1.03
C LEU B 57 17.30 8.83 -0.66
N LEU B 58 16.67 7.98 -1.46
CA LEU B 58 15.30 7.55 -1.18
C LEU B 58 15.17 6.91 0.21
N LEU B 59 16.17 6.12 0.56
N LEU B 59 16.16 6.12 0.60
CA LEU B 59 16.23 5.49 1.89
CA LEU B 59 16.13 5.51 1.93
C LEU B 59 16.19 6.52 3.02
C LEU B 59 16.12 6.58 3.02
N GLU B 60 17.04 7.53 2.92
CA GLU B 60 17.12 8.61 3.92
C GLU B 60 15.84 9.40 4.01
N ALA B 61 15.27 9.75 2.86
CA ALA B 61 14.07 10.57 2.82
C ALA B 61 12.88 9.81 3.41
N PHE B 62 12.65 8.60 2.95
CA PHE B 62 11.54 7.83 3.51
C PHE B 62 11.76 7.46 4.98
N SER B 63 13.02 7.23 5.39
CA SER B 63 13.28 6.96 6.80
C SER B 63 12.86 8.15 7.65
N SER B 64 13.09 9.36 7.13
CA SER B 64 12.66 10.58 7.79
C SER B 64 11.15 10.61 7.93
N PHE B 65 10.48 10.19 6.87
CA PHE B 65 9.02 10.14 6.83
C PHE B 65 8.44 9.11 7.81
N THR B 66 9.01 7.90 7.85
CA THR B 66 8.44 6.88 8.72
C THR B 66 8.76 7.18 10.20
N GLU B 67 9.85 7.90 10.43
CA GLU B 67 10.17 8.37 11.78
C GLU B 67 9.05 9.24 12.32
N ILE B 68 8.60 10.17 11.48
CA ILE B 68 7.50 11.06 11.82
C ILE B 68 6.22 10.27 12.03
N MET B 69 5.98 9.28 11.18
CA MET B 69 4.79 8.45 11.29
C MET B 69 4.80 7.69 12.60
N SER B 70 5.97 7.21 13.02
CA SER B 70 6.05 6.40 14.23
C SER B 70 5.78 7.25 15.48
N ARG B 71 6.22 8.50 15.48
CA ARG B 71 5.92 9.41 16.59
C ARG B 71 4.42 9.62 16.73
N GLN B 72 3.74 9.82 15.61
CA GLN B 72 2.29 9.95 15.62
C GLN B 72 1.64 8.66 16.12
N TYR B 73 2.14 7.53 15.64
CA TYR B 73 1.67 6.22 16.04
C TYR B 73 1.71 6.06 17.56
N GLN B 74 2.89 6.27 18.14
CA GLN B 74 3.08 6.09 19.57
C GLN B 74 2.20 7.04 20.36
N ALA B 75 1.95 8.21 19.78
CA ALA B 75 1.21 9.26 20.48
C ALA B 75 -0.24 8.86 20.74
N PHE B 76 -0.77 7.91 19.97
CA PHE B 76 -2.14 7.46 20.18
C PHE B 76 -2.27 6.68 21.49
N PHE B 77 -1.14 6.15 21.98
CA PHE B 77 -1.15 5.29 23.17
C PHE B 77 -0.71 6.02 24.43
N SER B 78 -0.71 7.34 24.38
N SER B 78 -0.70 7.35 24.38
CA SER B 78 -0.24 8.16 25.49
CA SER B 78 -0.21 8.15 25.49
C SER B 78 -0.93 7.86 26.81
C SER B 78 -0.95 7.90 26.82
N ASP B 79 -2.20 7.46 26.76
CA ASP B 79 -2.99 7.26 27.97
C ASP B 79 -3.37 5.81 28.20
N VAL B 80 -2.66 4.90 27.55
CA VAL B 80 -3.02 3.49 27.62
C VAL B 80 -2.30 2.79 28.77
N SER B 81 -3.08 2.07 29.59
CA SER B 81 -2.53 1.32 30.72
C SER B 81 -3.16 -0.07 30.87
N ASP B 82 -3.91 -0.51 29.87
CA ASP B 82 -4.45 -1.87 29.84
C ASP B 82 -4.89 -2.23 28.43
N ALA B 83 -5.36 -3.46 28.23
CA ALA B 83 -5.69 -3.95 26.90
CA ALA B 83 -5.69 -3.95 26.90
C ALA B 83 -6.95 -3.27 26.33
N PRO B 84 -8.03 -3.13 27.14
CA PRO B 84 -9.15 -2.44 26.50
C PRO B 84 -8.85 -1.00 26.06
N GLY B 85 -8.03 -0.27 26.83
CA GLY B 85 -7.65 1.08 26.45
C GLY B 85 -6.77 1.07 25.22
N ALA B 86 -5.92 0.06 25.12
CA ALA B 86 -5.10 -0.12 23.91
C ALA B 86 -6.03 -0.29 22.69
N CYS B 87 -7.09 -1.08 22.85
CA CYS B 87 -8.03 -1.29 21.75
C CYS B 87 -8.72 0.00 21.34
N GLN B 88 -9.04 0.84 22.33
CA GLN B 88 -9.64 2.14 22.09
C GLN B 88 -8.70 3.05 21.31
N ALA B 89 -7.43 3.05 21.70
CA ALA B 89 -6.39 3.82 21.02
C ALA B 89 -6.22 3.40 19.57
N ILE B 90 -6.22 2.10 19.34
CA ILE B 90 -6.15 1.60 17.97
C ILE B 90 -7.39 2.01 17.18
N THR B 91 -8.56 1.93 17.81
CA THR B 91 -9.78 2.37 17.18
C THR B 91 -9.71 3.85 16.82
N ASP B 92 -9.20 4.66 17.75
CA ASP B 92 -8.93 6.08 17.50
C ASP B 92 -8.03 6.27 16.30
N MET B 93 -6.94 5.51 16.27
CA MET B 93 -5.98 5.63 15.18
C MET B 93 -6.65 5.42 13.82
N ILE B 94 -7.54 4.43 13.76
CA ILE B 94 -8.28 4.15 12.54
C ILE B 94 -9.40 5.15 12.30
N TYR B 95 -10.23 5.40 13.32
CA TYR B 95 -11.42 6.23 13.13
C TYR B 95 -11.11 7.71 12.91
N SER B 96 -9.98 8.18 13.43
CA SER B 96 -9.66 9.61 13.38
C SER B 96 -9.32 10.05 11.96
N SER B 97 -8.92 9.09 11.14
CA SER B 97 -8.49 9.33 9.76
C SER B 97 -7.26 10.22 9.71
N GLN B 98 -6.51 10.28 10.79
CA GLN B 98 -5.33 11.15 10.88
C GLN B 98 -4.07 10.47 10.37
N VAL B 99 -4.11 9.15 10.23
CA VAL B 99 -2.97 8.40 9.73
C VAL B 99 -3.06 8.28 8.20
N ALA B 100 -4.19 7.79 7.73
CA ALA B 100 -4.44 7.63 6.30
C ALA B 100 -4.89 8.94 5.64
N THR B 101 -4.08 9.98 5.75
CA THR B 101 -4.37 11.23 5.06
C THR B 101 -3.96 11.12 3.60
N PRO B 102 -4.52 11.98 2.73
CA PRO B 102 -4.01 12.04 1.35
C PRO B 102 -2.49 12.16 1.26
N ASP B 103 -1.89 13.06 2.04
CA ASP B 103 -0.46 13.29 1.95
C ASP B 103 0.33 12.05 2.42
N ASN B 104 -0.11 11.45 3.52
CA ASN B 104 0.59 10.29 4.05
C ASN B 104 0.45 9.09 3.11
N MET B 105 -0.74 8.92 2.54
CA MET B 105 -1.00 7.79 1.66
C MET B 105 -0.17 7.88 0.40
N GLU B 106 -0.07 9.09 -0.14
CA GLU B 106 0.65 9.31 -1.38
C GLU B 106 2.10 8.87 -1.19
N LEU B 107 2.69 9.21 -0.05
CA LEU B 107 4.08 8.86 0.21
C LEU B 107 4.24 7.39 0.56
N MET B 108 3.44 6.88 1.49
CA MET B 108 3.70 5.51 1.94
C MET B 108 3.41 4.46 0.87
N TYR B 109 2.40 4.69 0.05
CA TYR B 109 2.06 3.65 -0.92
C TYR B 109 3.03 3.69 -2.11
N GLN B 110 3.69 4.81 -2.33
CA GLN B 110 4.77 4.84 -3.34
C GLN B 110 6.00 4.11 -2.82
N LEU B 111 6.31 4.28 -1.54
CA LEU B 111 7.35 3.48 -0.87
C LEU B 111 7.06 2.00 -1.05
N TYR B 112 5.82 1.61 -0.76
CA TYR B 112 5.42 0.19 -0.80
C TYR B 112 5.53 -0.37 -2.20
N ALA B 113 5.19 0.47 -3.18
CA ALA B 113 5.12 0.02 -4.56
C ALA B 113 6.51 -0.36 -5.05
N LEU B 114 7.50 0.43 -4.68
CA LEU B 114 8.83 0.24 -5.23
C LEU B 114 9.73 -0.67 -4.38
N ALA B 115 9.30 -1.01 -3.17
CA ALA B 115 10.15 -1.73 -2.21
C ALA B 115 10.55 -3.16 -2.64
N SER B 116 9.74 -3.82 -3.45
CA SER B 116 10.16 -5.14 -3.95
C SER B 116 11.24 -5.02 -5.04
N ARG B 117 11.36 -3.84 -5.62
CA ARG B 117 12.40 -3.59 -6.62
C ARG B 117 13.66 -3.03 -6.00
N LYS B 118 13.54 -2.48 -4.79
CA LYS B 118 14.65 -1.75 -4.19
C LYS B 118 14.86 -2.20 -2.74
N PRO B 119 15.88 -3.02 -2.51
CA PRO B 119 16.07 -3.65 -1.19
C PRO B 119 16.20 -2.63 -0.06
N LEU B 120 16.81 -1.47 -0.32
CA LEU B 120 16.93 -0.43 0.70
C LEU B 120 15.56 0.09 1.15
N LEU B 121 14.63 0.18 0.20
CA LEU B 121 13.29 0.64 0.54
C LEU B 121 12.52 -0.44 1.31
N LYS B 122 12.78 -1.70 0.98
CA LYS B 122 12.14 -2.76 1.76
C LYS B 122 12.66 -2.71 3.21
N THR B 123 13.94 -2.42 3.39
CA THR B 123 14.52 -2.25 4.72
C THR B 123 13.79 -1.16 5.53
N VAL B 124 13.47 -0.05 4.85
CA VAL B 124 12.68 1.01 5.46
C VAL B 124 11.34 0.48 5.99
N MET B 125 10.63 -0.28 5.16
CA MET B 125 9.34 -0.87 5.58
C MET B 125 9.52 -1.84 6.73
N GLN B 126 10.56 -2.66 6.65
CA GLN B 126 10.84 -3.64 7.69
C GLN B 126 11.15 -2.98 9.03
N ASN B 127 11.95 -1.91 9.00
CA ASN B 127 12.27 -1.16 10.22
C ASN B 127 11.01 -0.54 10.82
N TRP B 128 10.18 0.01 9.94
CA TRP B 128 8.94 0.68 10.30
C TRP B 128 7.95 -0.29 10.98
N MET B 129 7.81 -1.49 10.41
CA MET B 129 6.97 -2.54 11.02
C MET B 129 7.48 -2.90 12.41
N GLN B 130 8.80 -3.05 12.55
CA GLN B 130 9.36 -3.46 13.83
C GLN B 130 9.10 -2.41 14.92
N ARG B 131 9.12 -1.13 14.55
CA ARG B 131 8.83 -0.07 15.53
C ARG B 131 7.37 -0.14 15.98
N SER B 132 6.47 -0.38 15.03
CA SER B 132 5.05 -0.46 15.35
C SER B 132 4.79 -1.67 16.24
N GLN B 133 5.43 -2.78 15.90
CA GLN B 133 5.36 -3.99 16.70
C GLN B 133 5.80 -3.74 18.14
N GLN B 134 6.96 -3.11 18.31
CA GLN B 134 7.49 -2.84 19.63
C GLN B 134 6.56 -1.93 20.45
N THR B 135 5.93 -0.97 19.80
CA THR B 135 4.91 -0.17 20.47
C THR B 135 3.75 -1.02 21.01
N LEU B 136 3.20 -1.85 20.13
CA LEU B 136 2.07 -2.68 20.47
C LEU B 136 2.43 -3.73 21.52
N GLU B 137 3.66 -4.23 21.48
CA GLU B 137 4.07 -5.29 22.39
C GLU B 137 4.13 -4.86 23.86
N GLN B 138 3.90 -3.59 24.13
CA GLN B 138 3.76 -3.12 25.52
C GLN B 138 2.49 -3.74 26.12
N TRP B 139 1.52 -4.00 25.27
CA TRP B 139 0.19 -4.41 25.75
C TRP B 139 -0.35 -5.69 25.16
N PHE B 140 0.33 -6.20 24.14
CA PHE B 140 -0.12 -7.42 23.48
C PHE B 140 1.04 -8.38 23.24
N GLU B 141 0.74 -9.68 23.30
CA GLU B 141 1.70 -10.71 22.93
C GLU B 141 2.15 -10.47 21.48
N PRO B 142 3.39 -10.87 21.13
CA PRO B 142 3.96 -10.55 19.80
C PRO B 142 3.13 -10.98 18.59
N GLY B 143 2.48 -12.15 18.65
CA GLY B 143 1.68 -12.59 17.53
C GLY B 143 0.45 -11.72 17.35
N THR B 144 -0.23 -11.45 18.46
CA THR B 144 -1.38 -10.55 18.48
C THR B 144 -0.96 -9.14 18.04
N ALA B 145 0.20 -8.70 18.50
CA ALA B 145 0.72 -7.40 18.08
C ALA B 145 0.85 -7.35 16.56
N ARG B 146 1.41 -8.38 15.95
CA ARG B 146 1.55 -8.38 14.49
C ARG B 146 0.18 -8.44 13.81
N ALA B 147 -0.76 -9.14 14.43
CA ALA B 147 -2.09 -9.26 13.86
C ALA B 147 -2.79 -7.90 13.86
N LEU B 148 -2.67 -7.19 14.98
CA LEU B 148 -3.22 -5.84 15.10
C LEU B 148 -2.62 -4.85 14.11
N ASP B 149 -1.30 -4.87 13.95
CA ASP B 149 -0.64 -3.93 13.05
C ASP B 149 -1.09 -4.21 11.62
N ALA B 150 -1.21 -5.47 11.26
CA ALA B 150 -1.74 -5.79 9.93
C ALA B 150 -3.19 -5.31 9.80
N PHE B 151 -3.97 -5.43 10.87
CA PHE B 151 -5.35 -4.98 10.83
C PHE B 151 -5.43 -3.47 10.67
N ILE B 152 -4.55 -2.77 11.39
CA ILE B 152 -4.46 -1.32 11.29
C ILE B 152 -4.06 -0.90 9.87
N GLU B 153 -3.03 -1.54 9.35
CA GLU B 153 -2.61 -1.32 7.96
C GLU B 153 -3.80 -1.33 6.99
N GLY B 154 -4.63 -2.34 7.10
CA GLY B 154 -5.73 -2.52 6.16
C GLY B 154 -6.88 -1.60 6.48
N MET B 155 -7.23 -1.50 7.75
CA MET B 155 -8.46 -0.81 8.11
C MET B 155 -8.31 0.71 8.01
N THR B 156 -7.12 1.25 8.26
CA THR B 156 -6.96 2.70 8.13
C THR B 156 -7.24 3.14 6.69
N LEU B 157 -6.73 2.36 5.74
CA LEU B 157 -6.97 2.60 4.32
C LEU B 157 -8.42 2.39 3.93
N HIS B 158 -8.97 1.25 4.34
CA HIS B 158 -10.33 0.91 3.93
C HIS B 158 -11.31 1.89 4.51
N PHE B 159 -11.04 2.37 5.73
CA PHE B 159 -11.95 3.28 6.38
C PHE B 159 -12.12 4.60 5.61
N VAL B 160 -11.03 5.12 5.07
CA VAL B 160 -11.13 6.35 4.29
C VAL B 160 -11.45 6.10 2.82
N THR B 161 -11.59 4.83 2.43
CA THR B 161 -11.83 4.52 1.01
C THR B 161 -13.25 4.04 0.69
N ASP B 162 -13.74 3.09 1.48
CA ASP B 162 -15.06 2.45 1.32
C ASP B 162 -16.17 3.47 1.10
N ARG B 163 -17.07 3.17 0.17
CA ARG B 163 -18.27 4.00 -0.01
C ARG B 163 -19.09 4.03 1.26
N LYS B 164 -19.07 2.92 1.99
CA LYS B 164 -19.76 2.84 3.27
C LYS B 164 -18.89 2.10 4.27
N PRO B 165 -18.04 2.85 4.96
CA PRO B 165 -17.08 2.25 5.90
C PRO B 165 -17.76 1.83 7.21
N LEU B 166 -17.05 1.11 8.06
CA LEU B 166 -17.58 0.68 9.35
C LEU B 166 -17.77 1.83 10.33
N SER B 167 -18.71 1.64 11.26
CA SER B 167 -18.88 2.56 12.37
C SER B 167 -17.74 2.39 13.36
N ARG B 168 -17.57 3.34 14.27
CA ARG B 168 -16.51 3.26 15.28
C ARG B 168 -16.78 2.06 16.18
N GLU B 169 -18.05 1.81 16.43
CA GLU B 169 -18.48 0.68 17.25
CA GLU B 169 -18.49 0.68 17.25
C GLU B 169 -18.04 -0.64 16.63
N GLU B 170 -18.28 -0.79 15.33
CA GLU B 170 -17.88 -1.98 14.58
C GLU B 170 -16.36 -2.11 14.60
N ILE B 171 -15.67 -1.01 14.39
CA ILE B 171 -14.21 -1.03 14.39
C ILE B 171 -13.67 -1.51 15.75
N LEU B 172 -14.18 -0.95 16.84
CA LEU B 172 -13.74 -1.35 18.18
C LEU B 172 -13.98 -2.83 18.45
N ARG B 173 -15.13 -3.35 18.06
CA ARG B 173 -15.43 -4.77 18.21
C ARG B 173 -14.43 -5.65 17.46
N MET B 174 -14.09 -5.25 16.24
CA MET B 174 -13.18 -6.07 15.44
C MET B 174 -11.77 -6.00 16.01
N VAL B 175 -11.37 -4.82 16.44
CA VAL B 175 -10.09 -4.66 17.10
C VAL B 175 -10.02 -5.55 18.34
N GLU B 176 -11.13 -5.60 19.10
CA GLU B 176 -11.18 -6.43 20.30
C GLU B 176 -11.16 -7.91 19.94
N ARG B 177 -11.74 -8.30 18.81
CA ARG B 177 -11.62 -9.68 18.36
C ARG B 177 -10.15 -10.04 18.13
N VAL B 178 -9.41 -9.14 17.50
CA VAL B 178 -8.04 -9.46 17.12
C VAL B 178 -7.17 -9.53 18.40
N ALA B 179 -7.45 -8.64 19.35
CA ALA B 179 -6.72 -8.61 20.62
C ALA B 179 -6.89 -9.91 21.42
N GLY B 180 -7.99 -10.62 21.16
CA GLY B 180 -8.21 -11.94 21.72
C GLY B 180 -8.77 -11.94 23.13
#